data_9CD2
#
_entry.id   9CD2
#
_cell.length_a   117.538
_cell.length_b   117.538
_cell.length_c   104.444
_cell.angle_alpha   90.000
_cell.angle_beta   90.000
_cell.angle_gamma   120.000
#
_symmetry.space_group_name_H-M   'P 32 2 1'
#
loop_
_entity.id
_entity.type
_entity.pdbx_description
1 polymer 'ZDHYS365 multi-ubiquitin domain protein'
2 polymer 'ZDHYS365 multi-ubiquitin domain protein'
3 non-polymer 'TETRAETHYLENE GLYCOL'
4 non-polymer 'CALCIUM ION'
5 water water
#
loop_
_entity_poly.entity_id
_entity_poly.type
_entity_poly.pdbx_seq_one_letter_code
_entity_poly.pdbx_strand_id
1 'polypeptide(L)'
;SNAKNKFIKIND(MLY)IVEIDDLTPTGAQILLVAGVKDIVEYVLFQ(MLY)LKNGLLEEIRPEEKTTLDKEGVETFLMF
NSDRTYRFTLNGKMFDWGAPSLTGATVKSLAECDFDSNDVWLEMKNE(MLY)DKLITDHEHIDLTQPNVERLYTQETSIN
IIVNA(MLY)MRVVNRRVISYWDVVHLAYEHAENKETSIYSVDYAKGPISNPEGSMVDGQYVQLTDGMIFYVTQTDKS
;
A
2 'polypeptide(L)'
;SNAKNKFIKINDKIVEIDDLTPTGAQILLVAGVKDIVEYVLFQKLKNGLLEEIRPEEKTTLDKEGVETFLMFNSDRTYRF
TLNG(MLY)MFDWGAPSLTGATVKSLAECDFDSNDVWLEMKNEKD(MLY)LITDHEHIDLTQPNVERLYTQETSINIIVN
A(MLY)MRVVNRRVISYWDVVHLAYEHAEN(MLY)ETSIYSVDYAKGPISNPEGSMVDGQYVQLTDGMIFYVTQTD
(MLY)S
;
B
#
loop_
_chem_comp.id
_chem_comp.type
_chem_comp.name
_chem_comp.formula
CA non-polymer 'CALCIUM ION' 'Ca 2'
PG4 non-polymer 'TETRAETHYLENE GLYCOL' 'C8 H18 O5'
#
# COMPACT_ATOMS: atom_id res chain seq x y z
N ASN A 5 23.78 5.47 -26.32
CA ASN A 5 24.59 5.03 -25.19
C ASN A 5 23.97 5.52 -23.88
N LYS A 6 22.74 5.09 -23.61
CA LYS A 6 21.94 5.62 -22.52
C LYS A 6 21.78 4.59 -21.41
N PHE A 7 21.97 5.02 -20.18
CA PHE A 7 21.83 4.17 -19.02
C PHE A 7 20.93 4.85 -18.01
N ILE A 8 20.31 4.02 -17.16
CA ILE A 8 19.65 4.44 -15.94
C ILE A 8 20.18 3.51 -14.85
N LYS A 9 19.84 3.84 -13.65
CA LYS A 9 20.19 3.08 -12.48
C LYS A 9 18.90 2.58 -11.82
N ILE A 10 18.83 1.29 -11.54
CA ILE A 10 17.68 0.71 -10.87
C ILE A 10 18.18 -0.05 -9.66
N ASN A 11 17.73 0.32 -8.47
CA ASN A 11 18.24 -0.25 -7.22
C ASN A 11 19.76 -0.24 -7.21
N ASP A 12 20.30 0.87 -7.61
CA ASP A 12 21.77 0.92 -7.80
C ASP A 12 22.54 -0.01 -8.75
N MLY A 13 21.85 -0.64 -9.69
CA MLY A 13 22.50 -1.29 -10.79
CB MLY A 13 21.89 -2.62 -11.16
CG MLY A 13 22.25 -3.79 -10.27
CD MLY A 13 21.76 -5.08 -10.89
CE MLY A 13 21.66 -6.21 -9.87
NZ MLY A 13 20.81 -7.32 -10.24
CH1 MLY A 13 21.07 -8.41 -9.37
CH2 MLY A 13 19.43 -6.99 -10.25
C MLY A 13 22.37 -0.35 -11.97
O MLY A 13 21.23 0.03 -12.37
HA MLY A 13 23.42 -1.48 -10.55
HB2 MLY A 13 22.14 -2.83 -12.06
HB3 MLY A 13 20.92 -2.52 -11.15
HG2 MLY A 13 21.86 -3.67 -9.38
HG3 MLY A 13 23.20 -3.82 -10.13
HD2 MLY A 13 22.37 -5.31 -11.61
HD3 MLY A 13 20.90 -4.91 -11.31
HE2 MLY A 13 21.34 -5.85 -9.03
HE3 MLY A 13 22.55 -6.56 -9.69
HH11 MLY A 13 20.63 -9.21 -9.72
HH12 MLY A 13 20.74 -8.22 -8.49
HH13 MLY A 13 22.03 -8.57 -9.32
HH21 MLY A 13 18.90 -7.79 -10.33
HH22 MLY A 13 19.24 -6.41 -11.01
HH23 MLY A 13 19.19 -6.52 -9.43
N ILE A 14 23.44 -0.20 -12.74
CA ILE A 14 23.33 0.46 -14.00
C ILE A 14 22.59 -0.50 -14.95
N VAL A 15 21.71 0.07 -15.76
CA VAL A 15 20.91 -0.69 -16.70
C VAL A 15 20.87 0.08 -18.01
N GLU A 16 21.22 -0.59 -19.11
CA GLU A 16 21.22 0.05 -20.41
C GLU A 16 19.81 0.09 -20.95
N ILE A 17 19.39 1.23 -21.49
CA ILE A 17 18.08 1.40 -22.12
C ILE A 17 18.25 2.23 -23.40
N ASP A 18 17.43 1.98 -24.40
CA ASP A 18 17.57 2.70 -25.66
C ASP A 18 16.37 3.61 -25.97
N ASP A 19 15.45 3.81 -25.03
CA ASP A 19 14.31 4.69 -25.21
C ASP A 19 14.44 5.83 -24.20
N LEU A 20 14.31 7.07 -24.66
CA LEU A 20 14.41 8.24 -23.78
C LEU A 20 13.07 8.65 -23.16
N THR A 21 11.98 8.13 -23.65
CA THR A 21 10.67 8.36 -23.04
C THR A 21 10.06 7.00 -22.79
N PRO A 22 10.68 6.20 -21.92
CA PRO A 22 10.10 4.90 -21.62
C PRO A 22 8.93 5.03 -20.66
N THR A 23 8.02 4.09 -20.79
CA THR A 23 6.97 3.94 -19.82
C THR A 23 7.50 3.17 -18.63
N GLY A 24 6.69 3.14 -17.55
CA GLY A 24 7.01 2.28 -16.42
C GLY A 24 7.12 0.83 -16.82
N ALA A 25 6.16 0.35 -17.60
CA ALA A 25 6.23 -1.04 -18.03
C ALA A 25 7.52 -1.32 -18.79
N GLN A 26 7.89 -0.42 -19.71
CA GLN A 26 9.10 -0.64 -20.47
C GLN A 26 10.33 -0.68 -19.55
N ILE A 27 10.30 0.07 -18.45
CA ILE A 27 11.46 0.10 -17.54
C ILE A 27 11.54 -1.19 -16.76
N LEU A 28 10.40 -1.66 -16.27
CA LEU A 28 10.36 -2.92 -15.54
C LEU A 28 10.83 -4.07 -16.41
N LEU A 29 10.50 -4.04 -17.70
CA LEU A 29 10.92 -5.10 -18.59
C LEU A 29 12.44 -5.08 -18.77
N VAL A 30 13.00 -3.91 -19.04
CA VAL A 30 14.46 -3.84 -19.21
C VAL A 30 15.17 -4.26 -17.94
N ALA A 31 14.55 -4.02 -16.79
CA ALA A 31 15.12 -4.37 -15.51
C ALA A 31 15.14 -5.88 -15.26
N GLY A 32 14.55 -6.67 -16.15
CA GLY A 32 14.62 -8.10 -16.04
C GLY A 32 13.50 -8.75 -15.28
N VAL A 33 12.42 -7.99 -15.02
CA VAL A 33 11.24 -8.47 -14.32
C VAL A 33 10.37 -9.31 -15.25
N LYS A 34 9.90 -10.43 -14.71
CA LYS A 34 9.00 -11.30 -15.46
C LYS A 34 7.57 -10.74 -15.46
N ASP A 35 7.03 -10.50 -14.30
CA ASP A 35 5.61 -10.12 -14.15
C ASP A 35 5.52 -8.70 -13.63
N ILE A 36 5.30 -7.76 -14.54
CA ILE A 36 5.56 -6.37 -14.15
C ILE A 36 4.54 -5.90 -13.14
N VAL A 37 3.37 -6.50 -13.14
CA VAL A 37 2.33 -6.09 -12.22
C VAL A 37 2.73 -6.28 -10.80
N GLU A 38 3.60 -7.24 -10.50
CA GLU A 38 4.04 -7.54 -9.15
C GLU A 38 5.10 -6.57 -8.61
N TYR A 39 5.49 -5.55 -9.37
CA TYR A 39 6.54 -4.61 -8.98
C TYR A 39 5.99 -3.21 -8.87
N VAL A 40 6.56 -2.43 -7.96
CA VAL A 40 6.27 -1.02 -7.86
C VAL A 40 7.52 -0.25 -8.20
N LEU A 41 7.41 0.70 -9.11
CA LEU A 41 8.57 1.44 -9.64
C LEU A 41 8.48 2.89 -9.18
N PHE A 42 9.60 3.41 -8.65
CA PHE A 42 9.74 4.80 -8.27
C PHE A 42 10.91 5.43 -8.97
N GLN A 43 10.73 6.63 -9.47
CA GLN A 43 11.85 7.44 -9.83
C GLN A 43 12.29 8.32 -8.69
N MLY A 44 13.61 8.35 -8.48
CA MLY A 44 14.19 9.18 -7.44
CB MLY A 44 15.42 8.54 -6.79
CG MLY A 44 15.89 9.36 -5.58
CD MLY A 44 17.28 9.03 -5.08
CE MLY A 44 17.27 7.80 -4.19
NZ MLY A 44 18.50 7.53 -3.46
CH1 MLY A 44 18.98 8.69 -2.76
CH2 MLY A 44 18.28 6.44 -2.56
C MLY A 44 14.57 10.52 -8.07
O MLY A 44 15.37 10.54 -8.99
H MLY A 44 14.19 7.88 -8.93
HA MLY A 44 13.56 9.29 -6.72
HB2 MLY A 44 16.14 8.48 -7.44
HB3 MLY A 44 15.22 7.63 -6.52
HG2 MLY A 44 15.26 9.25 -4.86
HG3 MLY A 44 15.86 10.31 -5.81
HD2 MLY A 44 17.63 9.79 -4.60
HD3 MLY A 44 17.86 8.89 -5.84
HE2 MLY A 44 17.06 7.01 -4.73
HE3 MLY A 44 16.54 7.88 -3.55
HH11 MLY A 44 19.61 8.42 -2.06
HH12 MLY A 44 18.25 9.16 -2.34
HH13 MLY A 44 19.43 9.29 -3.37
HH21 MLY A 44 19.03 5.83 -2.60
HH22 MLY A 44 17.46 5.97 -2.80
HH23 MLY A 44 18.20 6.78 -1.65
N LEU A 45 13.77 11.53 -7.78
CA LEU A 45 13.92 12.84 -8.38
C LEU A 45 15.07 13.60 -7.77
N LYS A 46 15.41 14.73 -8.40
CA LYS A 46 16.59 15.48 -8.00
C LYS A 46 16.39 16.14 -6.65
N ASN A 47 15.16 16.56 -6.34
CA ASN A 47 14.87 17.05 -5.00
C ASN A 47 14.88 15.96 -3.93
N GLY A 48 15.07 14.71 -4.26
CA GLY A 48 15.14 13.67 -3.25
C GLY A 48 13.83 12.93 -3.05
N LEU A 49 12.77 13.37 -3.70
CA LEU A 49 11.49 12.68 -3.57
C LEU A 49 11.39 11.52 -4.54
N LEU A 50 10.59 10.53 -4.16
CA LEU A 50 10.29 9.39 -4.98
C LEU A 50 8.93 9.57 -5.63
N GLU A 51 8.88 9.45 -6.94
CA GLU A 51 7.65 9.53 -7.70
C GLU A 51 7.33 8.14 -8.25
N GLU A 52 6.16 7.60 -7.89
CA GLU A 52 5.77 6.32 -8.47
C GLU A 52 5.47 6.47 -9.95
N ILE A 53 5.90 5.50 -10.74
CA ILE A 53 5.72 5.45 -12.17
C ILE A 53 4.86 4.22 -12.43
N ARG A 54 3.63 4.43 -12.81
CA ARG A 54 2.75 3.31 -13.15
C ARG A 54 3.14 2.75 -14.48
N PRO A 55 2.74 1.51 -14.77
CA PRO A 55 3.14 0.91 -16.04
C PRO A 55 2.76 1.74 -17.25
N GLU A 56 1.58 2.40 -17.27
CA GLU A 56 1.23 3.15 -18.46
C GLU A 56 1.86 4.54 -18.50
N GLU A 57 2.62 4.95 -17.48
CA GLU A 57 3.13 6.31 -17.37
C GLU A 57 4.52 6.45 -17.98
N LYS A 58 4.73 7.57 -18.63
CA LYS A 58 6.02 7.82 -19.23
C LYS A 58 6.86 8.67 -18.30
N THR A 59 8.14 8.51 -18.40
CA THR A 59 9.06 9.46 -17.81
C THR A 59 9.91 9.95 -18.97
N THR A 60 10.52 11.10 -18.80
CA THR A 60 11.38 11.67 -19.83
C THR A 60 12.80 11.67 -19.30
N LEU A 61 13.70 11.06 -20.07
CA LEU A 61 15.11 10.95 -19.72
C LEU A 61 15.95 11.87 -20.62
N ASP A 62 16.92 12.55 -20.04
CA ASP A 62 17.84 13.36 -20.84
C ASP A 62 18.75 12.43 -21.65
N LYS A 63 19.22 12.94 -22.80
CA LYS A 63 20.20 12.20 -23.58
C LYS A 63 21.43 11.87 -22.77
N GLU A 64 21.82 12.76 -21.85
CA GLU A 64 22.99 12.59 -21.02
C GLU A 64 22.52 12.46 -19.58
N GLY A 65 23.32 11.76 -18.79
CA GLY A 65 23.02 11.57 -17.39
C GLY A 65 22.39 10.21 -17.11
N VAL A 66 22.20 9.94 -15.83
CA VAL A 66 21.73 8.63 -15.38
C VAL A 66 20.63 8.85 -14.36
N GLU A 67 19.38 8.81 -14.80
CA GLU A 67 18.26 8.83 -13.88
C GLU A 67 18.27 7.61 -12.96
N THR A 68 17.67 7.75 -11.77
CA THR A 68 17.75 6.78 -10.69
C THR A 68 16.35 6.28 -10.30
N PHE A 69 16.19 4.97 -10.19
CA PHE A 69 14.91 4.35 -9.91
C PHE A 69 15.09 3.35 -8.77
N LEU A 70 14.03 3.14 -8.04
CA LEU A 70 13.91 2.07 -7.07
C LEU A 70 12.80 1.16 -7.56
N MET A 71 13.01 -0.14 -7.49
CA MET A 71 12.02 -1.10 -7.99
C MET A 71 11.82 -2.12 -6.89
N PHE A 72 10.61 -2.25 -6.41
CA PHE A 72 10.34 -3.18 -5.34
C PHE A 72 9.40 -4.28 -5.84
N ASN A 73 9.64 -5.50 -5.40
CA ASN A 73 8.75 -6.65 -5.63
C ASN A 73 7.76 -6.65 -4.47
N SER A 74 6.61 -6.00 -4.67
CA SER A 74 5.72 -5.83 -3.56
C SER A 74 4.32 -5.59 -4.08
N ASP A 75 3.33 -6.10 -3.37
CA ASP A 75 1.93 -5.90 -3.76
C ASP A 75 1.28 -4.74 -3.02
N ARG A 76 2.07 -3.92 -2.31
CA ARG A 76 1.55 -2.87 -1.47
C ARG A 76 2.68 -1.87 -1.23
N THR A 77 2.32 -0.66 -0.85
CA THR A 77 3.34 0.26 -0.36
C THR A 77 2.93 0.84 0.97
N TYR A 78 3.93 1.13 1.78
CA TYR A 78 3.77 1.70 3.11
C TYR A 78 4.23 3.13 3.07
N ARG A 79 3.62 3.98 3.84
CA ARG A 79 4.06 5.36 3.83
C ARG A 79 4.86 5.68 5.09
N PHE A 80 5.83 6.60 4.94
CA PHE A 80 6.44 7.26 6.06
C PHE A 80 6.74 8.71 5.71
N THR A 81 7.08 9.52 6.70
CA THR A 81 7.58 10.86 6.42
C THR A 81 9.04 10.89 6.88
N LEU A 82 9.81 11.76 6.23
CA LEU A 82 11.26 11.87 6.53
C LEU A 82 11.59 13.35 6.50
N ASN A 83 11.89 13.92 7.67
CA ASN A 83 12.06 15.37 7.76
C ASN A 83 10.85 16.12 7.17
N GLY A 84 9.65 15.60 7.44
CA GLY A 84 8.43 16.23 7.03
C GLY A 84 7.94 15.82 5.65
N LYS A 85 8.80 15.21 4.82
CA LYS A 85 8.44 14.89 3.46
C LYS A 85 7.87 13.48 3.39
N MET A 86 6.85 13.30 2.57
CA MET A 86 6.15 12.05 2.43
C MET A 86 6.81 11.13 1.43
N PHE A 87 7.01 9.89 1.85
CA PHE A 87 7.58 8.81 1.05
C PHE A 87 6.66 7.60 1.06
N ASP A 88 6.52 6.97 -0.10
CA ASP A 88 6.03 5.60 -0.23
C ASP A 88 7.17 4.62 -0.32
N TRP A 89 6.94 3.38 0.12
CA TRP A 89 8.02 2.42 0.25
C TRP A 89 7.45 1.05 -0.04
N GLY A 90 8.09 0.29 -0.93
CA GLY A 90 7.64 -1.02 -1.38
C GLY A 90 8.19 -2.19 -0.58
N ALA A 91 8.50 -1.93 0.69
CA ALA A 91 8.96 -2.99 1.55
C ALA A 91 8.47 -2.72 2.95
N PRO A 92 8.34 -3.73 3.77
CA PRO A 92 7.74 -3.55 5.09
C PRO A 92 8.67 -2.88 6.08
N SER A 93 9.95 -2.76 5.78
CA SER A 93 10.87 -2.09 6.70
C SER A 93 11.98 -1.49 5.86
N LEU A 94 12.78 -0.61 6.48
CA LEU A 94 14.01 -0.08 5.91
C LEU A 94 14.94 0.28 7.07
N THR A 95 16.24 0.34 6.76
CA THR A 95 17.23 0.57 7.80
C THR A 95 17.47 2.07 8.03
N GLY A 96 18.03 2.35 9.20
CA GLY A 96 18.53 3.68 9.44
C GLY A 96 19.49 4.13 8.37
N ALA A 97 20.36 3.23 7.87
CA ALA A 97 21.28 3.65 6.81
C ALA A 97 20.54 4.03 5.53
N THR A 98 19.55 3.26 5.14
CA THR A 98 18.78 3.67 3.96
C THR A 98 18.08 5.02 4.18
N VAL A 99 17.51 5.25 5.38
CA VAL A 99 16.90 6.55 5.68
C VAL A 99 17.91 7.68 5.51
N LYS A 100 19.13 7.49 6.02
CA LYS A 100 20.15 8.52 5.79
C LYS A 100 20.34 8.79 4.32
N SER A 101 20.49 7.73 3.52
CA SER A 101 20.67 7.94 2.09
C SER A 101 19.49 8.69 1.45
N LEU A 102 18.26 8.36 1.87
CA LEU A 102 17.13 9.11 1.36
C LEU A 102 17.16 10.56 1.83
N ALA A 103 17.62 10.80 3.05
CA ALA A 103 17.61 12.14 3.58
C ALA A 103 18.70 12.99 2.95
N GLU A 104 19.74 12.38 2.43
CA GLU A 104 20.86 13.13 1.84
C GLU A 104 21.58 13.98 2.87
N CYS A 105 21.61 13.52 4.11
CA CYS A 105 22.34 14.21 5.16
C CYS A 105 23.76 13.65 5.21
N ASP A 106 24.63 14.34 5.94
CA ASP A 106 25.96 13.81 6.28
C ASP A 106 25.80 12.50 7.00
N PHE A 107 26.30 11.42 6.39
CA PHE A 107 25.97 10.10 6.87
C PHE A 107 26.50 9.85 8.26
N ASP A 108 27.77 10.16 8.50
CA ASP A 108 28.36 9.77 9.76
C ASP A 108 27.97 10.67 10.92
N SER A 109 27.63 11.93 10.66
CA SER A 109 27.44 12.85 11.77
C SER A 109 25.95 13.08 12.09
N ASN A 110 25.06 12.26 11.57
CA ASN A 110 23.63 12.33 11.92
C ASN A 110 23.13 11.02 12.50
N ASP A 111 22.06 11.10 13.30
CA ASP A 111 21.31 9.92 13.66
C ASP A 111 19.95 9.98 12.95
N VAL A 112 19.29 8.82 12.89
CA VAL A 112 17.89 8.67 12.46
C VAL A 112 17.07 8.45 13.71
N TRP A 113 15.94 9.14 13.77
CA TRP A 113 15.02 9.10 14.89
C TRP A 113 13.63 8.83 14.35
N LEU A 114 12.89 8.03 15.09
CA LEU A 114 11.48 7.73 14.85
C LEU A 114 10.63 8.40 15.90
N GLU A 115 9.72 9.28 15.47
CA GLU A 115 8.81 9.92 16.40
C GLU A 115 7.99 8.85 17.11
N MET A 116 7.83 9.00 18.41
CA MET A 116 6.96 8.15 19.20
C MET A 116 6.01 9.07 19.96
N LYS A 117 4.74 8.75 19.90
CA LYS A 117 3.74 9.53 20.62
C LYS A 117 3.76 9.30 22.12
N ASN A 118 4.06 8.07 22.57
CA ASN A 118 3.84 7.71 23.99
C ASN A 118 5.11 7.43 24.76
N GLU A 119 6.27 7.54 24.11
CA GLU A 119 7.56 7.43 24.77
C GLU A 119 8.56 8.35 24.04
N MLY A 120 9.78 8.44 24.52
CA MLY A 120 10.75 9.29 23.87
CB MLY A 120 12.07 9.33 24.63
CG MLY A 120 12.85 8.04 24.58
CD MLY A 120 14.12 8.10 25.46
CE MLY A 120 14.91 6.80 25.33
NZ MLY A 120 16.00 6.60 26.26
CH1 MLY A 120 16.89 7.71 26.32
CH2 MLY A 120 16.71 5.44 25.82
C MLY A 120 11.00 8.79 22.45
O MLY A 120 10.70 7.61 22.15
H MLY A 120 10.06 8.02 25.23
HA MLY A 120 10.41 10.19 23.85
HB2 MLY A 120 11.90 9.56 25.56
HB3 MLY A 120 12.62 10.04 24.26
HG2 MLY A 120 13.10 7.84 23.66
HG3 MLY A 120 12.29 7.30 24.86
HD2 MLY A 120 13.85 8.26 26.38
HD3 MLY A 120 14.66 8.87 25.19
HE2 MLY A 120 15.27 6.74 24.44
HE3 MLY A 120 14.30 6.05 25.43
HH11 MLY A 120 17.68 7.47 26.83
HH12 MLY A 120 16.47 8.47 26.75
HH13 MLY A 120 17.16 7.97 25.43
HH21 MLY A 120 17.40 5.22 26.47
HH22 MLY A 120 17.11 5.61 24.96
HH23 MLY A 120 16.09 4.70 25.74
N ASP A 121 11.37 9.71 21.56
CA ASP A 121 11.64 9.36 20.14
C ASP A 121 12.68 8.30 20.13
N LYS A 122 12.63 7.38 19.19
CA LYS A 122 13.46 6.19 19.22
C LYS A 122 14.61 6.37 18.24
N LEU A 123 15.83 6.21 18.77
CA LEU A 123 17.04 6.20 17.97
C LEU A 123 17.06 4.97 17.06
N ILE A 124 17.17 5.22 15.76
CA ILE A 124 17.33 4.14 14.79
C ILE A 124 18.81 4.11 14.34
N THR A 125 19.54 3.13 14.80
CA THR A 125 20.93 3.02 14.35
C THR A 125 20.99 2.47 12.93
N ASP A 126 22.18 2.61 12.34
CA ASP A 126 22.33 2.43 10.91
C ASP A 126 21.79 1.09 10.44
N HIS A 127 22.00 0.02 11.21
CA HIS A 127 21.66 -1.32 10.73
C HIS A 127 20.34 -1.82 11.27
N GLU A 128 19.67 -1.03 12.05
CA GLU A 128 18.37 -1.38 12.64
C GLU A 128 17.25 -1.05 11.66
N HIS A 129 16.20 -1.88 11.70
CA HIS A 129 15.09 -1.80 10.76
C HIS A 129 13.91 -1.08 11.40
N ILE A 130 13.31 -0.16 10.64
CA ILE A 130 12.11 0.55 11.05
C ILE A 130 10.96 -0.27 10.51
N ASP A 131 10.05 -0.69 11.39
CA ASP A 131 8.96 -1.56 10.99
C ASP A 131 7.80 -0.69 10.52
N LEU A 132 7.64 -0.56 9.19
CA LEU A 132 6.51 0.23 8.66
C LEU A 132 5.17 -0.45 8.81
N THR A 133 5.13 -1.78 9.15
CA THR A 133 3.84 -2.46 9.32
C THR A 133 3.15 -2.05 10.60
N GLN A 134 3.78 -1.27 11.46
CA GLN A 134 3.05 -0.67 12.57
C GLN A 134 1.97 0.25 11.99
N PRO A 135 0.88 0.48 12.74
CA PRO A 135 -0.38 0.88 12.10
C PRO A 135 -0.52 2.32 11.59
N ASN A 136 0.27 3.26 12.02
CA ASN A 136 0.16 4.63 11.57
C ASN A 136 1.27 4.91 10.56
N VAL A 137 1.35 6.15 10.08
CA VAL A 137 2.45 6.56 9.21
C VAL A 137 3.64 6.91 10.09
N GLU A 138 4.72 6.16 9.93
CA GLU A 138 5.92 6.39 10.72
C GLU A 138 6.50 7.74 10.34
N ARG A 139 6.93 8.50 11.34
CA ARG A 139 7.46 9.84 11.12
C ARG A 139 8.96 9.80 11.49
N LEU A 140 9.80 9.97 10.51
CA LEU A 140 11.25 9.86 10.71
C LEU A 140 11.94 11.19 10.53
N TYR A 141 13.05 11.44 11.28
CA TYR A 141 13.83 12.62 11.04
C TYR A 141 15.31 12.32 11.28
N THR A 142 16.14 13.09 10.60
CA THR A 142 17.58 13.02 10.85
C THR A 142 17.94 14.21 11.73
N GLN A 143 18.94 14.00 12.59
CA GLN A 143 19.40 15.06 13.46
C GLN A 143 20.90 14.92 13.67
N GLU A 144 21.58 16.05 13.69
CA GLU A 144 23.03 16.06 13.91
C GLU A 144 23.36 15.43 15.24
N THR A 145 24.32 14.52 15.22
CA THR A 145 24.79 13.84 16.41
C THR A 145 25.72 14.76 17.23
N SER A 146 25.40 14.92 18.52
CA SER A 146 26.27 15.65 19.46
C SER A 146 26.08 15.00 20.82
N ILE A 147 27.04 14.22 21.25
CA ILE A 147 26.86 13.35 22.41
C ILE A 147 27.89 13.72 23.47
N ASN A 148 27.44 13.90 24.72
CA ASN A 148 28.32 14.38 25.78
C ASN A 148 28.73 13.18 26.63
N ILE A 149 30.01 12.85 26.64
CA ILE A 149 30.50 11.69 27.38
C ILE A 149 31.64 12.18 28.24
N ILE A 150 32.01 11.35 29.20
CA ILE A 150 33.07 11.65 30.14
C ILE A 150 34.17 10.63 29.87
N VAL A 151 35.39 11.11 29.59
CA VAL A 151 36.54 10.24 29.42
C VAL A 151 37.63 10.68 30.38
N ASN A 152 38.06 9.77 31.25
CA ASN A 152 38.98 10.10 32.33
C ASN A 152 38.66 11.45 32.94
N ALA A 153 37.39 11.57 33.32
CA ALA A 153 36.84 12.68 34.08
C ALA A 153 36.68 13.99 33.28
N MLY A 154 36.98 13.93 31.99
CA MLY A 154 36.90 15.12 31.12
CB MLY A 154 38.22 15.29 30.36
CG MLY A 154 39.34 15.59 31.36
CD MLY A 154 40.65 16.05 30.75
CE MLY A 154 41.69 16.29 31.86
NZ MLY A 154 43.08 16.24 31.45
CH1 MLY A 154 43.38 16.29 30.07
CH2 MLY A 154 43.97 16.88 32.34
C MLY A 154 35.68 14.99 30.16
O MLY A 154 35.49 13.90 29.58
HA MLY A 154 36.76 15.93 31.64
HB2 MLY A 154 38.14 16.00 29.71
HB3 MLY A 154 38.42 14.48 29.87
HG2 MLY A 154 39.51 14.81 31.90
HG3 MLY A 154 39.03 16.27 31.98
HD2 MLY A 154 40.49 16.86 30.24
HD3 MLY A 154 40.96 15.37 30.12
HE2 MLY A 154 41.56 15.63 32.57
HE3 MLY A 154 41.52 17.16 32.27
HH11 MLY A 154 44.33 16.45 29.95
HH12 MLY A 154 42.89 17.00 29.65
HH13 MLY A 154 43.14 15.46 29.65
HH21 MLY A 154 44.89 16.65 32.13
HH22 MLY A 154 43.77 16.61 33.26
HH23 MLY A 154 43.87 17.85 32.27
N MET A 155 34.99 16.12 29.99
CA MET A 155 33.82 16.22 29.09
C MET A 155 34.37 16.13 27.67
N ARG A 156 33.83 15.22 26.91
CA ARG A 156 34.10 15.11 25.47
C ARG A 156 32.79 15.17 24.72
N VAL A 157 32.73 15.99 23.68
CA VAL A 157 31.57 16.05 22.82
C VAL A 157 31.93 15.28 21.54
N VAL A 158 31.09 14.31 21.18
CA VAL A 158 31.38 13.37 20.10
C VAL A 158 30.27 13.46 19.08
N ASN A 159 30.64 13.59 17.82
CA ASN A 159 29.66 13.77 16.74
C ASN A 159 29.47 12.52 15.88
N ARG A 160 29.60 11.37 16.51
CA ARG A 160 29.43 10.08 15.87
C ARG A 160 28.79 9.20 16.91
N ARG A 161 27.83 8.40 16.52
CA ARG A 161 27.08 7.61 17.48
C ARG A 161 27.83 6.38 17.93
N VAL A 162 28.66 5.83 17.05
CA VAL A 162 29.42 4.61 17.33
C VAL A 162 30.88 4.88 17.03
N ILE A 163 31.76 4.57 17.99
CA ILE A 163 33.19 4.88 17.85
C ILE A 163 33.97 3.63 18.26
N SER A 164 35.25 3.61 17.87
CA SER A 164 36.07 2.44 18.07
C SER A 164 36.89 2.49 19.38
N TYR A 165 37.49 1.35 19.71
CA TYR A 165 38.46 1.33 20.80
C TYR A 165 39.48 2.46 20.68
N TRP A 166 40.18 2.55 19.55
CA TRP A 166 41.24 3.57 19.50
C TRP A 166 40.64 4.97 19.52
N ASP A 167 39.45 5.14 18.97
CA ASP A 167 38.77 6.42 19.11
C ASP A 167 38.65 6.80 20.59
N VAL A 168 38.16 5.87 21.42
CA VAL A 168 38.05 6.15 22.85
C VAL A 168 39.42 6.46 23.45
N VAL A 169 40.41 5.60 23.17
CA VAL A 169 41.74 5.86 23.71
C VAL A 169 42.21 7.26 23.38
N HIS A 170 42.03 7.69 22.13
CA HIS A 170 42.48 9.01 21.69
C HIS A 170 41.74 10.15 22.37
N LEU A 171 40.55 9.91 22.90
CA LEU A 171 39.88 10.92 23.70
C LEU A 171 40.55 11.09 25.06
N ALA A 172 41.38 10.14 25.46
CA ALA A 172 42.11 10.24 26.72
C ALA A 172 43.58 10.54 26.52
N TYR A 173 44.21 9.94 25.52
CA TYR A 173 45.63 10.13 25.19
C TYR A 173 45.80 10.46 23.71
N GLU A 174 46.14 11.72 23.41
CA GLU A 174 46.15 12.18 22.02
C GLU A 174 46.98 11.32 21.08
N HIS A 175 48.17 10.87 21.53
CA HIS A 175 49.08 10.23 20.59
C HIS A 175 49.37 8.80 20.99
N ALA A 176 48.35 7.96 20.97
CA ALA A 176 48.38 6.69 21.67
C ALA A 176 48.37 5.45 20.79
N GLU A 177 47.93 5.55 19.53
CA GLU A 177 47.81 4.32 18.72
C GLU A 177 49.16 3.80 18.25
N ASN A 178 50.12 4.69 18.02
CA ASN A 178 51.46 4.35 17.59
C ASN A 178 52.37 3.87 18.74
N LYS A 179 51.89 3.84 19.98
CA LYS A 179 52.73 3.53 21.14
C LYS A 179 52.84 2.01 21.34
N GLU A 180 53.68 1.37 20.51
CA GLU A 180 53.74 -0.10 20.50
C GLU A 180 54.17 -0.67 21.84
N THR A 181 54.80 0.15 22.68
CA THR A 181 55.26 -0.21 24.00
C THR A 181 54.32 0.27 25.09
N SER A 182 53.05 0.48 24.75
CA SER A 182 52.01 0.81 25.71
C SER A 182 50.81 -0.09 25.51
N ILE A 183 50.15 -0.44 26.62
CA ILE A 183 48.88 -1.17 26.57
C ILE A 183 47.80 -0.29 27.21
N TYR A 184 46.72 -0.11 26.49
CA TYR A 184 45.64 0.77 26.90
C TYR A 184 44.44 -0.08 27.25
N SER A 185 43.94 0.04 28.48
CA SER A 185 42.66 -0.58 28.81
C SER A 185 41.55 0.46 28.76
N VAL A 186 40.31 0.01 28.49
CA VAL A 186 39.12 0.84 28.37
C VAL A 186 37.99 0.15 29.11
N ASP A 187 37.41 0.87 30.08
CA ASP A 187 36.19 0.45 30.77
C ASP A 187 35.15 1.53 30.62
N TYR A 188 33.88 1.15 30.73
CA TYR A 188 32.86 2.15 30.62
C TYR A 188 31.64 1.72 31.42
N ALA A 189 30.82 2.70 31.72
CA ALA A 189 29.50 2.44 32.29
C ALA A 189 28.58 3.59 31.91
N LYS A 190 27.32 3.46 32.34
CA LYS A 190 26.28 4.40 31.99
C LYS A 190 26.11 4.50 30.49
N GLY A 191 26.20 3.36 29.84
CA GLY A 191 26.03 3.32 28.42
C GLY A 191 24.57 3.06 28.10
N PRO A 192 24.23 3.00 26.87
CA PRO A 192 22.83 2.65 26.49
C PRO A 192 22.54 1.18 26.71
N ILE A 193 21.32 0.77 26.40
CA ILE A 193 20.91 -0.64 26.57
C ILE A 193 21.75 -1.61 25.74
N SER A 194 22.17 -1.21 24.54
CA SER A 194 22.98 -2.11 23.72
C SER A 194 24.42 -2.29 24.20
N ASN A 195 24.96 -1.46 25.16
CA ASN A 195 26.23 -1.73 25.85
C ASN A 195 26.30 -0.88 27.14
N PRO A 196 25.70 -1.34 28.26
CA PRO A 196 25.56 -0.48 29.45
C PRO A 196 26.82 -0.27 30.28
N GLU A 197 27.50 -1.39 30.61
CA GLU A 197 28.80 -1.37 31.22
C GLU A 197 29.68 -2.38 30.51
N GLY A 198 30.98 -2.19 30.58
CA GLY A 198 31.88 -3.18 30.03
C GLY A 198 33.26 -2.61 29.81
N SER A 199 34.01 -3.33 28.97
CA SER A 199 35.39 -3.07 28.62
C SER A 199 35.50 -3.18 27.12
N MET A 200 36.56 -2.58 26.57
CA MET A 200 36.81 -2.59 25.14
C MET A 200 38.26 -2.98 24.90
N VAL A 201 38.48 -3.76 23.84
CA VAL A 201 39.83 -4.04 23.35
C VAL A 201 39.86 -3.68 21.87
N ASP A 202 41.07 -3.63 21.31
CA ASP A 202 41.21 -3.30 19.88
C ASP A 202 40.32 -4.19 19.03
N GLY A 203 39.67 -3.59 18.04
CA GLY A 203 38.72 -4.29 17.21
C GLY A 203 37.27 -4.11 17.59
N GLN A 204 36.98 -3.67 18.81
CA GLN A 204 35.59 -3.46 19.22
C GLN A 204 35.16 -2.02 18.96
N TYR A 205 33.85 -1.81 19.03
CA TYR A 205 33.17 -0.53 18.86
C TYR A 205 32.17 -0.40 19.99
N VAL A 206 31.71 0.82 20.20
CA VAL A 206 30.75 1.11 21.26
C VAL A 206 29.77 2.16 20.80
N GLN A 207 28.52 1.93 21.12
CA GLN A 207 27.49 2.92 20.89
C GLN A 207 27.43 3.88 22.07
N LEU A 208 27.49 5.17 21.78
CA LEU A 208 27.55 6.19 22.81
C LEU A 208 26.17 6.68 23.19
N THR A 209 26.08 7.20 24.42
CA THR A 209 24.86 7.91 24.83
C THR A 209 25.28 8.99 25.80
N ASP A 210 24.48 10.04 25.89
CA ASP A 210 24.78 11.16 26.80
C ASP A 210 25.03 10.65 28.21
N GLY A 211 26.11 11.13 28.83
CA GLY A 211 26.46 10.78 30.20
C GLY A 211 27.26 9.52 30.36
N MET A 212 27.55 8.82 29.28
CA MET A 212 28.35 7.61 29.34
C MET A 212 29.73 7.95 29.89
N ILE A 213 30.31 7.04 30.67
CA ILE A 213 31.58 7.29 31.36
C ILE A 213 32.60 6.26 30.95
N PHE A 214 33.81 6.73 30.62
CA PHE A 214 34.90 5.90 30.15
C PHE A 214 36.08 6.14 31.06
N TYR A 215 36.82 5.06 31.33
CA TYR A 215 38.03 5.08 32.10
C TYR A 215 39.07 4.36 31.27
N VAL A 216 40.16 5.07 30.98
CA VAL A 216 41.18 4.59 30.04
C VAL A 216 42.51 4.63 30.78
N THR A 217 43.22 3.50 30.79
CA THR A 217 44.53 3.42 31.43
C THR A 217 45.58 3.10 30.38
N GLN A 218 46.79 3.54 30.70
CA GLN A 218 47.97 3.30 29.88
C GLN A 218 49.01 2.65 30.78
N THR A 219 49.51 1.51 30.37
CA THR A 219 50.60 0.82 31.08
C THR A 219 51.71 0.44 30.10
N ASP A 220 52.92 0.36 30.62
CA ASP A 220 54.06 -0.04 29.81
C ASP A 220 53.98 -1.54 29.50
N LYS A 221 54.29 -1.89 28.25
CA LYS A 221 54.27 -3.30 27.83
C LYS A 221 55.68 -3.93 27.90
N LYS B 4 -17.61 29.44 -5.95
CA LYS B 4 -18.97 29.77 -5.56
C LYS B 4 -19.60 28.50 -4.96
N ASN B 5 -20.90 28.25 -5.24
CA ASN B 5 -21.64 27.14 -4.66
C ASN B 5 -21.17 25.83 -5.29
N LYS B 6 -20.00 25.39 -4.84
CA LYS B 6 -19.31 24.21 -5.35
C LYS B 6 -19.41 23.09 -4.32
N PHE B 7 -19.71 21.89 -4.79
CA PHE B 7 -19.68 20.72 -3.94
C PHE B 7 -18.78 19.63 -4.53
N ILE B 8 -18.19 18.83 -3.62
CA ILE B 8 -17.51 17.60 -3.98
C ILE B 8 -18.04 16.48 -3.08
N LYS B 9 -17.79 15.26 -3.52
CA LYS B 9 -18.19 14.06 -2.81
C LYS B 9 -16.94 13.36 -2.28
N ILE B 10 -16.92 13.10 -0.97
CA ILE B 10 -15.82 12.38 -0.32
C ILE B 10 -16.40 11.20 0.43
N ASN B 11 -16.04 9.97 0.01
CA ASN B 11 -16.61 8.74 0.56
C ASN B 11 -18.14 8.88 0.67
N ASP B 12 -18.79 9.28 -0.39
CA ASP B 12 -20.25 9.37 -0.38
C ASP B 12 -20.82 10.46 0.55
N LYS B 13 -20.00 11.23 1.26
CA LYS B 13 -20.49 12.46 1.86
C LYS B 13 -20.30 13.64 0.91
N ILE B 14 -21.37 14.38 0.69
CA ILE B 14 -21.30 15.59 -0.12
C ILE B 14 -20.85 16.71 0.80
N VAL B 15 -19.83 17.44 0.39
CA VAL B 15 -19.26 18.49 1.21
C VAL B 15 -19.02 19.71 0.34
N GLU B 16 -19.25 20.88 0.92
CA GLU B 16 -19.04 22.13 0.21
C GLU B 16 -17.59 22.56 0.29
N ILE B 17 -17.13 23.19 -0.81
CA ILE B 17 -15.76 23.70 -0.91
C ILE B 17 -15.85 25.03 -1.66
N ASP B 18 -14.98 25.94 -1.29
CA ASP B 18 -14.97 27.33 -1.74
C ASP B 18 -13.69 27.62 -2.54
N ASP B 19 -13.21 26.63 -3.28
CA ASP B 19 -11.96 26.68 -4.03
C ASP B 19 -12.10 25.67 -5.18
N LEU B 20 -11.71 26.06 -6.39
CA LEU B 20 -11.81 25.16 -7.54
C LEU B 20 -10.49 24.47 -7.86
N THR B 21 -9.38 24.92 -7.26
CA THR B 21 -8.09 24.24 -7.39
C THR B 21 -7.46 23.94 -6.03
N PRO B 22 -8.14 23.14 -5.20
CA PRO B 22 -7.59 22.83 -3.88
C PRO B 22 -6.42 21.86 -3.93
N THR B 23 -5.57 21.93 -2.93
CA THR B 23 -4.60 20.86 -2.75
C THR B 23 -5.23 19.67 -2.06
N GLY B 24 -4.50 18.55 -2.08
CA GLY B 24 -4.95 17.37 -1.36
C GLY B 24 -5.13 17.65 0.12
N ALA B 25 -4.22 18.41 0.71
CA ALA B 25 -4.36 18.79 2.13
C ALA B 25 -5.62 19.59 2.39
N GLN B 26 -5.94 20.52 1.50
CA GLN B 26 -7.13 21.36 1.67
C GLN B 26 -8.40 20.54 1.51
N ILE B 27 -8.39 19.57 0.61
CA ILE B 27 -9.51 18.65 0.53
C ILE B 27 -9.65 17.86 1.82
N LEU B 28 -8.54 17.34 2.36
CA LEU B 28 -8.63 16.55 3.59
C LEU B 28 -9.13 17.43 4.73
N LEU B 29 -8.72 18.70 4.76
CA LEU B 29 -9.11 19.58 5.85
C LEU B 29 -10.60 19.90 5.83
N VAL B 30 -11.19 20.08 4.66
CA VAL B 30 -12.63 20.34 4.68
C VAL B 30 -13.36 19.03 4.98
N ALA B 31 -12.80 17.90 4.58
CA ALA B 31 -13.38 16.62 4.99
C ALA B 31 -13.36 16.42 6.51
N GLY B 32 -12.67 17.25 7.26
CA GLY B 32 -12.65 17.17 8.72
C GLY B 32 -11.45 16.53 9.37
N VAL B 33 -10.41 16.16 8.60
CA VAL B 33 -9.26 15.42 9.11
C VAL B 33 -8.41 16.30 9.99
N LYS B 34 -7.99 15.76 11.13
CA LYS B 34 -7.06 16.42 12.02
C LYS B 34 -5.60 16.19 11.62
N ASP B 35 -5.33 15.03 11.04
CA ASP B 35 -3.94 14.61 10.73
C ASP B 35 -3.87 14.23 9.26
N ILE B 36 -3.47 15.20 8.45
CA ILE B 36 -3.43 15.04 6.99
C ILE B 36 -2.59 13.85 6.58
N VAL B 37 -1.47 13.61 7.29
CA VAL B 37 -0.50 12.59 6.93
C VAL B 37 -1.10 11.19 7.02
N GLU B 38 -2.12 10.99 7.86
CA GLU B 38 -2.63 9.67 8.10
C GLU B 38 -3.68 9.21 7.05
N TYR B 39 -4.00 10.04 6.09
CA TYR B 39 -4.98 9.66 5.08
C TYR B 39 -4.37 9.58 3.71
N VAL B 40 -4.94 8.67 2.91
CA VAL B 40 -4.64 8.52 1.50
C VAL B 40 -5.85 8.98 0.74
N LEU B 41 -5.67 9.96 -0.15
CA LEU B 41 -6.76 10.59 -0.88
C LEU B 41 -6.68 10.19 -2.36
N PHE B 42 -7.79 9.73 -2.92
CA PHE B 42 -7.90 9.42 -4.34
C PHE B 42 -9.02 10.22 -4.96
N GLN B 43 -8.81 10.75 -6.18
CA GLN B 43 -9.93 11.19 -7.01
C GLN B 43 -10.36 10.07 -7.95
N LYS B 44 -11.66 9.83 -8.06
CA LYS B 44 -12.17 8.85 -9.01
C LYS B 44 -12.46 9.59 -10.32
N LEU B 45 -11.56 9.42 -11.28
CA LEU B 45 -11.65 10.08 -12.57
C LEU B 45 -12.80 9.55 -13.40
N LYS B 46 -13.17 10.32 -14.44
CA LYS B 46 -14.24 9.89 -15.34
C LYS B 46 -13.90 8.60 -16.07
N ASN B 47 -12.61 8.37 -16.35
CA ASN B 47 -12.18 7.13 -16.98
C ASN B 47 -12.18 5.94 -16.02
N GLY B 48 -12.65 6.14 -14.78
CA GLY B 48 -12.85 5.04 -13.84
C GLY B 48 -11.67 4.79 -12.93
N LEU B 49 -10.53 5.40 -13.19
CA LEU B 49 -9.33 5.17 -12.42
C LEU B 49 -9.31 6.02 -11.16
N LEU B 50 -8.61 5.54 -10.15
CA LEU B 50 -8.35 6.24 -8.91
C LEU B 50 -6.98 6.88 -9.02
N GLU B 51 -6.93 8.18 -8.89
CA GLU B 51 -5.66 8.90 -8.95
C GLU B 51 -5.33 9.42 -7.56
N GLU B 52 -4.19 8.98 -7.03
CA GLU B 52 -3.83 9.46 -5.71
C GLU B 52 -3.54 10.95 -5.82
N ILE B 53 -3.93 11.71 -4.80
CA ILE B 53 -3.65 13.14 -4.70
C ILE B 53 -2.77 13.30 -3.47
N ARG B 54 -1.50 13.68 -3.66
CA ARG B 54 -0.66 13.96 -2.52
C ARG B 54 -1.09 15.28 -1.88
N PRO B 55 -0.74 15.48 -0.62
CA PRO B 55 -1.17 16.68 0.09
C PRO B 55 -0.82 17.97 -0.62
N GLU B 56 0.35 18.05 -1.28
CA GLU B 56 0.76 19.28 -1.97
C GLU B 56 0.15 19.43 -3.36
N GLU B 57 -0.45 18.39 -3.94
CA GLU B 57 -0.92 18.47 -5.32
C GLU B 57 -2.30 19.11 -5.39
N LYS B 58 -2.47 20.00 -6.36
CA LYS B 58 -3.76 20.61 -6.65
C LYS B 58 -4.56 19.74 -7.60
N THR B 59 -5.88 19.94 -7.53
CA THR B 59 -6.85 19.28 -8.39
C THR B 59 -7.73 20.38 -8.96
N THR B 60 -8.01 20.32 -10.26
CA THR B 60 -8.82 21.33 -10.91
C THR B 60 -10.25 20.82 -10.93
N LEU B 61 -11.14 21.56 -10.27
CA LEU B 61 -12.55 21.22 -10.23
C LEU B 61 -13.33 22.16 -11.12
N ASP B 62 -14.43 21.67 -11.72
CA ASP B 62 -15.28 22.53 -12.52
C ASP B 62 -16.28 23.27 -11.63
N LYS B 63 -16.76 24.41 -12.14
CA LYS B 63 -17.72 25.21 -11.38
C LYS B 63 -19.00 24.44 -11.11
N GLU B 64 -19.37 23.51 -11.99
CA GLU B 64 -20.57 22.72 -11.84
C GLU B 64 -20.18 21.26 -11.86
N GLY B 65 -21.08 20.42 -11.34
CA GLY B 65 -20.79 19.03 -11.12
C GLY B 65 -20.20 18.77 -9.74
N VAL B 66 -20.13 17.48 -9.39
CA VAL B 66 -19.68 17.01 -8.07
C VAL B 66 -18.61 15.97 -8.34
N GLU B 67 -17.33 16.37 -8.23
CA GLU B 67 -16.25 15.40 -8.37
C GLU B 67 -16.26 14.41 -7.21
N THR B 68 -15.67 13.24 -7.43
CA THR B 68 -15.77 12.10 -6.51
C THR B 68 -14.38 11.69 -6.02
N PHE B 69 -14.22 11.68 -4.68
CA PHE B 69 -12.97 11.33 -4.03
C PHE B 69 -13.19 10.18 -3.07
N LEU B 70 -12.18 9.35 -2.91
CA LEU B 70 -12.16 8.36 -1.84
C LEU B 70 -11.03 8.75 -0.88
N MET B 71 -11.31 8.64 0.41
CA MET B 71 -10.44 9.10 1.48
C MET B 71 -10.34 7.97 2.49
N PHE B 72 -9.17 7.35 2.55
CA PHE B 72 -8.89 6.22 3.42
C PHE B 72 -8.01 6.64 4.59
N ASN B 73 -8.38 6.19 5.78
CA ASN B 73 -7.55 6.35 6.98
C ASN B 73 -6.59 5.16 7.01
N SER B 74 -5.44 5.31 6.35
CA SER B 74 -4.59 4.15 6.12
C SER B 74 -3.14 4.60 5.94
N ASP B 75 -2.23 3.81 6.46
CA ASP B 75 -0.79 4.06 6.35
C ASP B 75 -0.15 3.31 5.21
N ARG B 76 -0.95 2.65 4.37
CA ARG B 76 -0.46 1.76 3.33
C ARG B 76 -1.52 1.66 2.24
N THR B 77 -1.07 1.29 1.05
CA THR B 77 -1.96 1.06 -0.09
C THR B 77 -1.66 -0.33 -0.62
N TYR B 78 -2.73 -1.06 -0.96
CA TYR B 78 -2.63 -2.37 -1.61
C TYR B 78 -2.94 -2.22 -3.10
N ARG B 79 -2.34 -3.05 -3.94
CA ARG B 79 -2.64 -2.98 -5.35
C ARG B 79 -3.47 -4.19 -5.77
N PHE B 80 -4.37 -3.97 -6.75
CA PHE B 80 -5.03 -5.04 -7.48
C PHE B 80 -5.23 -4.56 -8.90
N THR B 81 -5.54 -5.49 -9.79
CA THR B 81 -5.88 -5.14 -11.16
C THR B 81 -7.37 -5.44 -11.32
N LEU B 82 -8.04 -4.66 -12.15
CA LEU B 82 -9.46 -4.91 -12.40
C LEU B 82 -9.66 -4.74 -13.88
N ASN B 83 -10.03 -5.84 -14.55
CA ASN B 83 -10.15 -5.85 -15.99
C ASN B 83 -8.91 -5.24 -16.64
N GLY B 84 -7.75 -5.54 -16.07
CA GLY B 84 -6.48 -5.19 -16.69
C GLY B 84 -5.96 -3.84 -16.29
N MLY B 85 -6.72 -3.10 -15.47
CA MLY B 85 -6.22 -1.81 -15.00
CB MLY B 85 -7.31 -0.75 -15.10
CG MLY B 85 -7.48 -0.45 -16.58
CD MLY B 85 -8.36 0.75 -16.90
CE MLY B 85 -8.83 0.72 -18.36
NZ MLY B 85 -9.29 2.01 -18.83
CH1 MLY B 85 -9.51 1.88 -20.24
CH2 MLY B 85 -8.33 3.05 -18.55
C MLY B 85 -5.73 -1.88 -13.60
O MLY B 85 -6.37 -2.55 -12.78
HA MLY B 85 -5.48 -1.54 -15.56
HB2 MLY B 85 -7.06 0.05 -14.60
HB3 MLY B 85 -8.14 -1.06 -14.70
HG2 MLY B 85 -7.83 -1.24 -17.03
HG3 MLY B 85 -6.60 -0.30 -16.98
HD2 MLY B 85 -7.87 1.56 -16.71
HD3 MLY B 85 -9.12 0.73 -16.29
HE2 MLY B 85 -9.55 0.07 -18.45
HE3 MLY B 85 -8.12 0.41 -18.92
HH11 MLY B 85 -9.94 2.68 -20.58
HH12 MLY B 85 -10.09 1.12 -20.42
HH13 MLY B 85 -8.67 1.76 -20.70
HH21 MLY B 85 -8.46 3.78 -19.17
HH22 MLY B 85 -7.43 2.69 -18.65
HH23 MLY B 85 -8.45 3.36 -17.65
N MET B 86 -4.71 -1.09 -13.30
CA MET B 86 -4.19 -1.05 -11.97
C MET B 86 -4.93 -0.17 -11.01
N PHE B 87 -5.24 -0.70 -9.85
CA PHE B 87 -5.88 0.04 -8.76
C PHE B 87 -5.00 0.00 -7.53
N ASP B 88 -4.86 1.14 -6.87
CA ASP B 88 -4.46 1.26 -5.48
C ASP B 88 -5.72 1.36 -4.60
N TRP B 89 -5.61 0.89 -3.38
CA TRP B 89 -6.72 0.78 -2.47
C TRP B 89 -6.19 0.97 -1.06
N GLY B 90 -6.85 1.85 -0.30
CA GLY B 90 -6.48 2.18 1.06
C GLY B 90 -7.11 1.36 2.18
N ALA B 91 -7.42 0.10 1.90
CA ALA B 91 -8.00 -0.78 2.89
C ALA B 91 -7.54 -2.19 2.55
N PRO B 92 -7.53 -3.09 3.54
CA PRO B 92 -7.04 -4.46 3.28
C PRO B 92 -8.00 -5.37 2.53
N SER B 93 -9.24 -4.96 2.31
CA SER B 93 -10.19 -5.78 1.57
C SER B 93 -11.17 -4.86 0.89
N LEU B 94 -11.90 -5.42 -0.06
CA LEU B 94 -13.06 -4.76 -0.66
C LEU B 94 -14.02 -5.84 -1.12
N THR B 95 -15.29 -5.46 -1.24
CA THR B 95 -16.30 -6.46 -1.57
C THR B 95 -16.47 -6.62 -3.07
N GLY B 96 -17.11 -7.74 -3.43
CA GLY B 96 -17.56 -7.91 -4.80
C GLY B 96 -18.35 -6.74 -5.32
N ALA B 97 -19.25 -6.22 -4.47
CA ALA B 97 -20.09 -5.11 -4.90
C ALA B 97 -19.27 -3.86 -5.18
N THR B 98 -18.29 -3.58 -4.33
CA THR B 98 -17.44 -2.44 -4.59
C THR B 98 -16.66 -2.66 -5.88
N VAL B 99 -16.24 -3.90 -6.17
CA VAL B 99 -15.53 -4.14 -7.44
C VAL B 99 -16.45 -3.84 -8.63
N LYS B 100 -17.70 -4.30 -8.55
CA LYS B 100 -18.62 -3.98 -9.63
C LYS B 100 -18.74 -2.49 -9.85
N SER B 101 -18.81 -1.74 -8.75
CA SER B 101 -18.91 -0.28 -8.86
C SER B 101 -17.69 0.33 -9.53
N LEU B 102 -16.51 -0.08 -9.10
CA LEU B 102 -15.29 0.39 -9.76
C LEU B 102 -15.24 -0.02 -11.20
N ALA B 103 -15.76 -1.19 -11.52
CA ALA B 103 -15.74 -1.68 -12.89
C ALA B 103 -16.70 -0.95 -13.78
N GLU B 104 -17.70 -0.27 -13.21
CA GLU B 104 -18.77 0.37 -13.96
C GLU B 104 -19.56 -0.65 -14.77
N CYS B 105 -19.68 -1.87 -14.29
CA CYS B 105 -20.37 -2.88 -15.05
C CYS B 105 -21.83 -2.86 -14.68
N ASP B 106 -22.65 -3.48 -15.51
CA ASP B 106 -24.03 -3.75 -15.10
C ASP B 106 -24.07 -4.69 -13.93
N PHE B 107 -24.62 -4.21 -12.83
CA PHE B 107 -24.52 -4.93 -11.58
C PHE B 107 -25.15 -6.31 -11.67
N ASP B 108 -26.34 -6.42 -12.24
CA ASP B 108 -27.08 -7.67 -12.07
C ASP B 108 -26.68 -8.76 -13.03
N SER B 109 -26.07 -8.43 -14.16
CA SER B 109 -25.73 -9.41 -15.15
C SER B 109 -24.25 -9.82 -15.13
N ASN B 110 -23.50 -9.40 -14.12
CA ASN B 110 -22.08 -9.68 -14.04
C ASN B 110 -21.71 -10.36 -12.74
N ASP B 111 -20.64 -11.15 -12.81
CA ASP B 111 -19.99 -11.65 -11.62
C ASP B 111 -18.58 -11.06 -11.57
N VAL B 112 -18.06 -11.06 -10.36
CA VAL B 112 -16.66 -10.70 -10.07
C VAL B 112 -15.87 -11.98 -9.88
N TRP B 113 -14.71 -12.05 -10.53
CA TRP B 113 -13.87 -13.22 -10.46
C TRP B 113 -12.47 -12.79 -10.02
N LEU B 114 -11.88 -13.62 -9.16
CA LEU B 114 -10.47 -13.51 -8.76
C LEU B 114 -9.68 -14.58 -9.48
N GLU B 115 -8.64 -14.15 -10.20
CA GLU B 115 -7.79 -15.07 -10.94
C GLU B 115 -7.02 -15.92 -9.94
N MET B 116 -6.86 -17.18 -10.26
CA MET B 116 -6.10 -18.13 -9.45
C MET B 116 -5.12 -18.81 -10.40
N LYS B 117 -3.85 -18.83 -10.03
CA LYS B 117 -2.86 -19.29 -11.00
C LYS B 117 -2.99 -20.79 -11.27
N ASN B 118 -3.35 -21.56 -10.26
CA ASN B 118 -3.42 -23.02 -10.40
C ASN B 118 -4.84 -23.54 -10.47
N GLU B 119 -5.70 -23.10 -9.56
CA GLU B 119 -7.08 -23.55 -9.51
C GLU B 119 -7.90 -22.82 -10.59
N LYS B 120 -9.18 -23.17 -10.66
CA LYS B 120 -10.12 -22.40 -11.44
C LYS B 120 -10.32 -21.06 -10.76
N ASP B 121 -10.74 -20.07 -11.54
CA ASP B 121 -10.85 -18.73 -10.95
C ASP B 121 -11.95 -18.77 -9.92
N MLY B 122 -11.85 -17.88 -8.94
CA MLY B 122 -12.83 -17.83 -7.89
CB MLY B 122 -12.09 -17.57 -6.56
CG MLY B 122 -12.88 -17.87 -5.30
CD MLY B 122 -12.17 -17.40 -4.04
CE MLY B 122 -10.78 -18.01 -3.81
NZ MLY B 122 -10.22 -17.81 -2.48
CH1 MLY B 122 -11.16 -18.16 -1.44
CH2 MLY B 122 -9.87 -16.46 -2.27
C MLY B 122 -13.93 -16.81 -8.08
O MLY B 122 -13.64 -15.58 -8.17
HA MLY B 122 -13.31 -18.68 -7.87
HB2 MLY B 122 -11.81 -16.63 -6.54
HB3 MLY B 122 -11.28 -18.10 -6.55
HG2 MLY B 122 -13.05 -18.82 -5.24
HG3 MLY B 122 -13.76 -17.46 -5.36
HD2 MLY B 122 -12.74 -17.58 -3.29
HD3 MLY B 122 -12.09 -16.42 -4.09
HE2 MLY B 122 -10.16 -17.65 -4.46
HE3 MLY B 122 -10.83 -18.96 -3.98
HH11 MLY B 122 -10.70 -18.41 -0.63
HH12 MLY B 122 -11.71 -18.91 -1.74
HH13 MLY B 122 -11.75 -17.41 -1.26
HH21 MLY B 122 -9.43 -16.36 -1.41
HH22 MLY B 122 -10.67 -15.90 -2.30
HH23 MLY B 122 -9.26 -16.16 -2.96
N LEU B 123 -15.19 -17.24 -7.89
CA LEU B 123 -16.31 -16.35 -7.90
C LEU B 123 -16.39 -15.61 -6.59
N ILE B 124 -16.47 -14.28 -6.66
CA ILE B 124 -16.61 -13.41 -5.49
C ILE B 124 -18.03 -12.87 -5.50
N THR B 125 -18.83 -13.24 -4.50
CA THR B 125 -20.17 -12.70 -4.46
C THR B 125 -20.18 -11.26 -4.02
N ASP B 126 -21.32 -10.62 -4.25
CA ASP B 126 -21.46 -9.20 -4.00
C ASP B 126 -21.05 -8.82 -2.58
N HIS B 127 -21.27 -9.70 -1.59
CA HIS B 127 -21.00 -9.36 -0.18
C HIS B 127 -19.73 -9.97 0.38
N GLU B 128 -19.05 -10.79 -0.40
CA GLU B 128 -17.81 -11.40 0.03
C GLU B 128 -16.68 -10.37 -0.09
N HIS B 129 -15.70 -10.49 0.79
CA HIS B 129 -14.54 -9.62 0.83
C HIS B 129 -13.36 -10.30 0.15
N ILE B 130 -12.68 -9.55 -0.72
CA ILE B 130 -11.43 -9.98 -1.33
C ILE B 130 -10.31 -9.50 -0.44
N ASP B 131 -9.47 -10.42 0.03
CA ASP B 131 -8.42 -10.11 0.99
C ASP B 131 -7.19 -9.64 0.22
N LEU B 132 -6.95 -8.34 0.20
CA LEU B 132 -5.80 -7.83 -0.53
C LEU B 132 -4.49 -8.06 0.20
N THR B 133 -4.52 -8.49 1.47
CA THR B 133 -3.30 -8.75 2.22
C THR B 133 -2.65 -10.06 1.82
N GLN B 134 -3.32 -10.87 1.00
CA GLN B 134 -2.65 -12.01 0.41
C GLN B 134 -1.45 -11.51 -0.40
N PRO B 135 -0.43 -12.35 -0.56
CA PRO B 135 0.92 -11.84 -0.84
C PRO B 135 1.20 -11.16 -2.18
N ASN B 136 0.52 -11.53 -3.24
CA ASN B 136 0.71 -10.96 -4.55
C ASN B 136 -0.35 -9.89 -4.88
N VAL B 137 -0.27 -9.37 -6.11
CA VAL B 137 -1.29 -8.44 -6.61
C VAL B 137 -2.52 -9.24 -7.10
N GLU B 138 -3.63 -9.05 -6.42
CA GLU B 138 -4.87 -9.71 -6.81
C GLU B 138 -5.32 -9.22 -8.19
N ARG B 139 -5.70 -10.17 -9.05
CA ARG B 139 -6.13 -9.89 -10.40
C ARG B 139 -7.64 -10.19 -10.48
N LEU B 140 -8.42 -9.16 -10.63
CA LEU B 140 -9.87 -9.26 -10.67
C LEU B 140 -10.39 -8.93 -12.06
N TYR B 141 -11.53 -9.54 -12.38
CA TYR B 141 -12.22 -9.19 -13.59
C TYR B 141 -13.74 -9.43 -13.43
N THR B 142 -14.49 -8.68 -14.24
CA THR B 142 -15.92 -8.89 -14.33
C THR B 142 -16.23 -9.62 -15.61
N GLN B 143 -17.28 -10.44 -15.56
CA GLN B 143 -17.67 -11.25 -16.70
C GLN B 143 -19.19 -11.47 -16.64
N GLU B 144 -19.79 -11.60 -17.81
CA GLU B 144 -21.23 -11.85 -17.85
C GLU B 144 -21.55 -13.17 -17.12
N THR B 145 -22.56 -13.13 -16.29
CA THR B 145 -23.06 -14.34 -15.66
C THR B 145 -23.63 -15.29 -16.70
N SER B 146 -23.38 -16.58 -16.51
CA SER B 146 -23.94 -17.57 -17.44
C SER B 146 -24.14 -18.83 -16.63
N ILE B 147 -25.38 -19.21 -16.40
CA ILE B 147 -25.71 -20.32 -15.53
C ILE B 147 -26.72 -21.21 -16.23
N ASN B 148 -26.47 -22.52 -16.22
CA ASN B 148 -27.33 -23.49 -16.89
C ASN B 148 -28.30 -24.03 -15.85
N ILE B 149 -29.60 -23.84 -16.08
CA ILE B 149 -30.61 -24.35 -15.18
C ILE B 149 -31.57 -25.22 -16.00
N ILE B 150 -32.43 -25.96 -15.30
CA ILE B 150 -33.43 -26.77 -15.94
C ILE B 150 -34.80 -26.25 -15.50
N VAL B 151 -35.64 -25.88 -16.46
CA VAL B 151 -37.00 -25.44 -16.16
C VAL B 151 -37.95 -26.36 -16.95
N ASN B 152 -38.81 -27.10 -16.23
CA ASN B 152 -39.74 -28.07 -16.82
C ASN B 152 -39.03 -28.91 -17.90
N ALA B 153 -37.95 -29.51 -17.46
CA ALA B 153 -37.12 -30.43 -18.23
C ALA B 153 -36.54 -29.86 -19.50
N MLY B 154 -36.33 -28.55 -19.54
CA MLY B 154 -35.62 -27.90 -20.65
CB MLY B 154 -36.49 -26.99 -21.45
CG MLY B 154 -37.71 -27.74 -22.00
CD MLY B 154 -38.55 -26.91 -22.98
CE MLY B 154 -40.01 -27.42 -23.19
NZ MLY B 154 -40.76 -26.39 -23.86
CH1 MLY B 154 -42.15 -26.54 -23.81
CH2 MLY B 154 -40.33 -26.32 -25.24
C MLY B 154 -34.46 -27.12 -20.09
O MLY B 154 -34.63 -26.32 -19.15
HA MLY B 154 -35.31 -28.60 -21.25
HB2 MLY B 154 -35.98 -26.61 -22.20
HB3 MLY B 154 -36.78 -26.25 -20.91
HG2 MLY B 154 -38.27 -28.02 -21.27
HG3 MLY B 154 -37.42 -28.56 -22.44
HD2 MLY B 154 -38.08 -26.90 -23.83
HD3 MLY B 154 -38.55 -25.99 -22.66
HE2 MLY B 154 -40.41 -27.64 -22.34
HE3 MLY B 154 -40.02 -28.24 -23.72
HH11 MLY B 154 -42.59 -25.69 -24.02
HH12 MLY B 154 -42.42 -26.81 -22.91
HH13 MLY B 154 -42.45 -27.21 -24.43
HH21 MLY B 154 -40.84 -25.63 -25.71
HH22 MLY B 154 -40.47 -27.18 -25.68
HH23 MLY B 154 -39.39 -26.10 -25.28
N MET B 155 -33.29 -27.22 -20.70
CA MET B 155 -32.11 -26.50 -20.24
C MET B 155 -32.25 -25.06 -20.64
N ARG B 156 -32.00 -24.15 -19.72
CA ARG B 156 -32.07 -22.73 -19.96
C ARG B 156 -30.75 -22.12 -19.53
N VAL B 157 -30.18 -21.21 -20.35
CA VAL B 157 -29.02 -20.42 -19.96
C VAL B 157 -29.47 -19.06 -19.47
N VAL B 158 -29.14 -18.72 -18.25
CA VAL B 158 -29.61 -17.50 -17.64
C VAL B 158 -28.40 -16.62 -17.37
N ASN B 159 -28.53 -15.32 -17.62
CA ASN B 159 -27.41 -14.39 -17.50
C ASN B 159 -27.57 -13.43 -16.32
N ARG B 160 -28.10 -13.94 -15.22
CA ARG B 160 -28.31 -13.24 -13.96
C ARG B 160 -28.21 -14.32 -12.90
N ARG B 161 -27.64 -13.98 -11.74
CA ARG B 161 -27.50 -14.98 -10.68
C ARG B 161 -28.73 -15.08 -9.77
N VAL B 162 -29.56 -14.06 -9.78
CA VAL B 162 -30.72 -13.97 -8.93
C VAL B 162 -31.91 -13.73 -9.87
N ILE B 163 -32.99 -14.50 -9.72
CA ILE B 163 -34.16 -14.25 -10.54
C ILE B 163 -35.42 -14.43 -9.70
N SER B 164 -36.48 -13.88 -10.24
CA SER B 164 -37.75 -13.78 -9.53
C SER B 164 -38.71 -14.96 -9.83
N TYR B 165 -39.79 -15.01 -9.05
CA TYR B 165 -40.85 -15.96 -9.31
C TYR B 165 -41.37 -15.85 -10.75
N TRP B 166 -41.70 -14.65 -11.18
CA TRP B 166 -42.28 -14.51 -12.50
C TRP B 166 -41.27 -14.79 -13.61
N ASP B 167 -39.97 -14.52 -13.36
CA ASP B 167 -38.97 -14.90 -14.34
C ASP B 167 -39.00 -16.40 -14.57
N VAL B 168 -38.99 -17.17 -13.48
CA VAL B 168 -39.01 -18.62 -13.58
C VAL B 168 -40.28 -19.09 -14.28
N VAL B 169 -41.44 -18.55 -13.86
CA VAL B 169 -42.67 -19.00 -14.49
C VAL B 169 -42.62 -18.73 -15.98
N HIS B 170 -42.17 -17.55 -16.36
CA HIS B 170 -42.11 -17.20 -17.76
C HIS B 170 -41.01 -17.93 -18.54
N LEU B 171 -40.00 -18.46 -17.91
CA LEU B 171 -39.12 -19.39 -18.61
C LEU B 171 -39.89 -20.65 -18.98
N ALA B 172 -40.85 -21.08 -18.19
CA ALA B 172 -41.60 -22.27 -18.53
C ALA B 172 -42.76 -21.99 -19.46
N TYR B 173 -43.47 -20.90 -19.24
CA TYR B 173 -44.63 -20.51 -20.03
C TYR B 173 -44.65 -19.00 -20.23
N GLU B 174 -44.37 -18.57 -21.47
CA GLU B 174 -44.26 -17.14 -21.75
C GLU B 174 -45.60 -16.44 -21.59
N HIS B 175 -46.68 -17.14 -21.89
CA HIS B 175 -47.99 -16.52 -21.82
C HIS B 175 -48.53 -16.39 -20.40
N ALA B 176 -47.84 -16.89 -19.39
CA ALA B 176 -48.49 -17.04 -18.09
C ALA B 176 -48.82 -15.69 -17.47
N GLU B 177 -49.99 -15.57 -16.84
CA GLU B 177 -50.20 -14.32 -16.13
C GLU B 177 -51.05 -14.59 -14.90
N ASN B 178 -51.33 -13.51 -14.16
CA ASN B 178 -52.14 -13.49 -12.94
C ASN B 178 -53.53 -13.81 -13.39
N MLY B 179 -54.21 -14.80 -12.77
CA MLY B 179 -55.64 -15.05 -13.13
CB MLY B 179 -55.76 -16.40 -13.86
CG MLY B 179 -55.02 -16.55 -15.19
CD MLY B 179 -55.72 -15.69 -16.29
CE MLY B 179 -55.07 -15.89 -17.69
NZ MLY B 179 -55.56 -15.06 -18.79
CH1 MLY B 179 -55.06 -15.66 -20.00
CH2 MLY B 179 -56.94 -14.99 -18.85
C MLY B 179 -56.51 -15.04 -11.88
O MLY B 179 -55.95 -15.46 -10.88
HA MLY B 179 -55.96 -14.36 -13.73
HB2 MLY B 179 -56.70 -16.58 -14.00
HB3 MLY B 179 -55.43 -17.09 -13.26
HG2 MLY B 179 -55.01 -17.47 -15.47
HG3 MLY B 179 -54.10 -16.28 -15.11
HD2 MLY B 179 -55.68 -14.76 -16.02
HD3 MLY B 179 -56.66 -15.93 -16.31
HE2 MLY B 179 -55.19 -16.82 -17.94
HE3 MLY B 179 -54.11 -15.74 -17.60
HH11 MLY B 179 -55.27 -15.08 -20.76
HH12 MLY B 179 -55.47 -16.52 -20.14
HH13 MLY B 179 -54.09 -15.77 -19.94
HH21 MLY B 179 -57.21 -14.60 -19.69
HH22 MLY B 179 -57.27 -14.45 -18.12
HH23 MLY B 179 -57.31 -15.88 -18.78
N GLU B 180 -57.81 -15.16 -12.02
CA GLU B 180 -58.71 -15.26 -10.89
C GLU B 180 -58.98 -16.73 -10.49
N THR B 181 -58.79 -17.63 -11.44
CA THR B 181 -59.21 -19.01 -11.37
C THR B 181 -58.07 -20.00 -11.20
N SER B 182 -56.83 -19.56 -11.37
CA SER B 182 -55.70 -20.47 -11.36
C SER B 182 -54.46 -19.69 -10.99
N ILE B 183 -53.40 -20.40 -10.60
CA ILE B 183 -52.13 -19.80 -10.19
C ILE B 183 -51.01 -20.74 -10.65
N TYR B 184 -49.83 -20.19 -10.83
CA TYR B 184 -48.68 -21.02 -11.21
C TYR B 184 -47.88 -21.36 -9.97
N SER B 185 -47.68 -22.65 -9.73
CA SER B 185 -46.82 -23.14 -8.68
C SER B 185 -45.41 -23.30 -9.22
N VAL B 186 -44.44 -23.08 -8.34
CA VAL B 186 -43.01 -23.15 -8.69
C VAL B 186 -42.36 -23.91 -7.55
N ASP B 187 -41.71 -25.03 -7.85
CA ASP B 187 -40.92 -25.82 -6.90
C ASP B 187 -39.54 -25.95 -7.51
N TYR B 188 -38.53 -25.96 -6.68
CA TYR B 188 -37.17 -26.02 -7.20
C TYR B 188 -36.34 -26.92 -6.31
N ALA B 189 -35.21 -27.38 -6.85
CA ALA B 189 -34.30 -28.21 -6.08
C ALA B 189 -32.92 -28.08 -6.71
N LYS B 190 -31.90 -28.59 -5.98
CA LYS B 190 -30.51 -28.57 -6.42
C LYS B 190 -30.12 -27.14 -6.66
N GLY B 191 -30.47 -26.31 -5.67
CA GLY B 191 -30.03 -24.93 -5.68
C GLY B 191 -28.77 -24.77 -4.87
N PRO B 192 -28.23 -23.56 -4.80
CA PRO B 192 -27.05 -23.28 -3.96
C PRO B 192 -27.47 -23.21 -2.50
N ILE B 193 -26.48 -22.87 -1.66
CA ILE B 193 -26.64 -22.93 -0.22
C ILE B 193 -27.71 -21.94 0.26
N SER B 194 -27.75 -20.75 -0.33
CA SER B 194 -28.72 -19.75 0.11
C SER B 194 -30.15 -20.23 -0.04
N ASN B 195 -30.42 -21.16 -1.01
CA ASN B 195 -31.77 -21.73 -1.23
C ASN B 195 -31.73 -23.07 -1.95
N PRO B 196 -31.49 -24.17 -1.24
CA PRO B 196 -31.25 -25.44 -1.96
C PRO B 196 -32.49 -26.05 -2.57
N GLU B 197 -33.61 -26.02 -1.86
CA GLU B 197 -34.85 -26.55 -2.39
C GLU B 197 -36.03 -25.85 -1.75
N GLY B 198 -37.17 -25.90 -2.42
CA GLY B 198 -38.37 -25.29 -1.87
C GLY B 198 -39.36 -24.88 -2.94
N SER B 199 -40.19 -23.89 -2.61
CA SER B 199 -41.19 -23.40 -3.52
C SER B 199 -41.06 -21.87 -3.58
N MET B 200 -41.55 -21.29 -4.67
CA MET B 200 -41.54 -19.84 -4.81
C MET B 200 -42.96 -19.36 -5.12
N VAL B 201 -43.34 -18.23 -4.54
CA VAL B 201 -44.57 -17.54 -4.89
C VAL B 201 -44.18 -16.13 -5.35
N ASP B 202 -45.17 -15.41 -5.90
CA ASP B 202 -44.91 -14.08 -6.42
C ASP B 202 -44.35 -13.22 -5.32
N GLY B 203 -43.33 -12.47 -5.61
CA GLY B 203 -42.65 -11.71 -4.59
C GLY B 203 -41.34 -12.30 -4.14
N GLN B 204 -41.08 -13.57 -4.42
CA GLN B 204 -39.83 -14.17 -3.98
C GLN B 204 -38.82 -14.21 -5.10
N TYR B 205 -37.57 -14.41 -4.70
CA TYR B 205 -36.39 -14.47 -5.56
C TYR B 205 -35.59 -15.67 -5.15
N VAL B 206 -34.79 -16.19 -6.06
CA VAL B 206 -33.83 -17.23 -5.68
C VAL B 206 -32.54 -16.96 -6.39
N GLN B 207 -31.45 -17.36 -5.74
CA GLN B 207 -30.12 -17.40 -6.32
C GLN B 207 -29.98 -18.69 -7.10
N LEU B 208 -29.41 -18.58 -8.29
CA LEU B 208 -29.23 -19.75 -9.14
C LEU B 208 -27.84 -20.40 -8.99
N THR B 209 -27.70 -21.63 -9.47
CA THR B 209 -26.42 -22.31 -9.64
C THR B 209 -26.61 -23.31 -10.77
N ASP B 210 -25.50 -23.76 -11.36
CA ASP B 210 -25.56 -24.73 -12.45
C ASP B 210 -26.27 -25.98 -12.01
N GLY B 211 -27.20 -26.46 -12.85
CA GLY B 211 -27.92 -27.68 -12.61
C GLY B 211 -29.19 -27.51 -11.78
N MET B 212 -29.48 -26.32 -11.30
CA MET B 212 -30.68 -26.12 -10.50
C MET B 212 -31.88 -26.46 -11.34
N ILE B 213 -32.93 -27.02 -10.69
CA ILE B 213 -34.08 -27.56 -11.40
C ILE B 213 -35.31 -26.87 -10.84
N PHE B 214 -36.19 -26.45 -11.75
CA PHE B 214 -37.48 -25.82 -11.45
C PHE B 214 -38.60 -26.61 -12.10
N TYR B 215 -39.75 -26.67 -11.39
CA TYR B 215 -40.95 -27.33 -11.88
C TYR B 215 -42.08 -26.33 -11.75
N VAL B 216 -42.74 -26.03 -12.85
CA VAL B 216 -43.71 -24.98 -12.95
C VAL B 216 -45.01 -25.59 -13.46
N THR B 217 -46.11 -25.43 -12.69
CA THR B 217 -47.38 -25.96 -13.11
C THR B 217 -48.53 -24.99 -12.83
N GLN B 218 -49.46 -24.91 -13.77
CA GLN B 218 -50.64 -24.07 -13.55
C GLN B 218 -51.63 -24.90 -12.78
N THR B 219 -52.00 -24.48 -11.58
CA THR B 219 -52.97 -25.18 -10.75
C THR B 219 -54.20 -24.35 -10.46
N ASP B 220 -55.28 -25.03 -10.09
CA ASP B 220 -56.49 -24.37 -9.69
C ASP B 220 -56.29 -23.61 -8.41
N MLY B 221 -57.06 -22.54 -8.22
CA MLY B 221 -57.02 -21.84 -6.94
CB MLY B 221 -57.21 -20.35 -7.08
CG MLY B 221 -56.06 -19.61 -7.64
CD MLY B 221 -56.38 -18.12 -7.74
CE MLY B 221 -56.39 -17.44 -6.39
NZ MLY B 221 -56.86 -16.06 -6.33
CH1 MLY B 221 -58.27 -15.97 -6.42
CH2 MLY B 221 -56.23 -15.25 -7.33
C MLY B 221 -58.17 -22.43 -6.14
O MLY B 221 -59.33 -22.21 -6.63
H MLY B 221 -57.59 -22.20 -8.80
HA MLY B 221 -56.16 -21.94 -6.51
HB2 MLY B 221 -57.40 -19.99 -6.20
HB3 MLY B 221 -57.99 -20.19 -7.62
HG2 MLY B 221 -55.84 -19.95 -8.52
HG3 MLY B 221 -55.27 -19.74 -7.09
HD2 MLY B 221 -57.25 -18.03 -8.18
HD3 MLY B 221 -55.73 -17.71 -8.32
HE2 MLY B 221 -55.49 -17.47 -6.03
HE3 MLY B 221 -56.93 -17.97 -5.78
HH11 MLY B 221 -58.52 -15.07 -6.67
HH12 MLY B 221 -58.68 -16.17 -5.56
HH13 MLY B 221 -58.61 -16.58 -7.09
HH21 MLY B 221 -56.34 -14.32 -7.12
HH22 MLY B 221 -56.63 -15.43 -8.20
HH23 MLY B 221 -55.28 -15.47 -7.37
N SER B 222 -57.84 -23.31 -5.21
CA SER B 222 -58.84 -24.19 -4.62
C SER B 222 -59.31 -23.64 -3.29
O1 PG4 C . 20.68 -1.43 0.71
C1 PG4 C . 19.91 -1.07 -0.40
C2 PG4 C . 18.52 -0.74 0.07
O2 PG4 C . 17.94 0.16 -0.86
C3 PG4 C . 16.56 0.03 -0.82
C4 PG4 C . 16.00 0.52 -2.10
O3 PG4 C . 15.25 -0.41 -2.86
C5 PG4 C . 15.14 -1.71 -2.38
C6 PG4 C . 14.53 -2.52 -3.45
O4 PG4 C . 15.48 -3.52 -3.73
C7 PG4 C . 15.05 -4.79 -3.31
C8 PG4 C . 16.23 -5.72 -3.40
O5 PG4 C . 17.11 -5.20 -4.38
HO1 PG4 C . 21.46 -1.62 0.43
H11 PG4 C . 19.87 -1.79 -1.05
H12 PG4 C . 20.28 -0.31 -0.86
H21 PG4 C . 18.01 -1.56 0.15
H22 PG4 C . 18.57 -0.36 0.97
H31 PG4 C . 16.29 -0.89 -0.67
H32 PG4 C . 16.19 0.54 -0.08
H41 PG4 C . 15.46 1.30 -1.89
H42 PG4 C . 16.75 0.85 -2.62
H51 PG4 C . 16.01 -2.06 -2.13
H52 PG4 C . 14.59 -1.74 -1.58
H61 PG4 C . 13.69 -2.88 -3.15
H62 PG4 C . 14.35 -1.97 -4.22
H71 PG4 C . 14.32 -5.11 -3.88
H72 PG4 C . 14.70 -4.77 -2.41
H81 PG4 C . 15.91 -6.61 -3.62
H82 PG4 C . 16.64 -5.78 -2.52
HO5 PG4 C . 17.71 -5.78 -4.54
CA CA D . 3.04 2.18 9.28
O1 PG4 E . -15.99 3.86 6.90
C1 PG4 E . -14.94 4.19 6.01
C2 PG4 E . -15.50 4.91 4.81
O2 PG4 E . -14.49 5.28 3.84
C3 PG4 E . -13.62 4.27 3.54
C4 PG4 E . -12.82 4.62 2.32
O3 PG4 E . -13.62 4.63 1.16
C5 PG4 E . -14.11 3.35 0.87
C6 PG4 E . -14.57 3.31 -0.54
O4 PG4 E . -15.37 2.17 -0.59
C7 PG4 E . -16.72 2.46 -0.52
C8 PG4 E . -17.55 1.35 0.09
O5 PG4 E . -18.91 1.83 0.22
HO1 PG4 E . -15.67 3.32 7.48
H11 PG4 E . -14.29 4.77 6.44
H12 PG4 E . -14.47 3.40 5.71
H21 PG4 E . -16.17 4.33 4.40
H22 PG4 E . -15.97 5.70 5.12
H31 PG4 E . -14.09 3.44 3.39
H32 PG4 E . -13.01 4.12 4.29
H41 PG4 E . -12.42 5.49 2.46
H42 PG4 E . -12.10 3.99 2.24
H51 PG4 E . -13.43 2.68 1.01
H52 PG4 E . -14.85 3.12 1.46
H61 PG4 E . -13.81 3.28 -1.14
H62 PG4 E . -15.05 4.12 -0.76
H71 PG4 E . -16.85 3.26 0.02
H72 PG4 E . -17.07 2.66 -1.40
H81 PG4 E . -17.48 0.57 -0.49
H82 PG4 E . -17.14 1.10 0.94
HO5 PG4 E . -19.39 1.19 0.51
CA CA F . -2.23 -8.62 -2.30
#